data_6QTA
#
_entry.id   6QTA
#
_cell.length_a   115.675
_cell.length_b   115.675
_cell.length_c   74.623
_cell.angle_alpha   90.000
_cell.angle_beta   90.000
_cell.angle_gamma   90.000
#
_symmetry.space_group_name_H-M   'P 43 21 2'
#
loop_
_entity.id
_entity.type
_entity.pdbx_description
1 polymer Midasin,Midasin
2 polymer 'Ribosome assembly protein 4'
3 non-polymer 'MAGNESIUM ION'
4 non-polymer 'SULFATE ION'
5 non-polymer GLYCEROL
6 water water
#
loop_
_entity_poly.entity_id
_entity_poly.type
_entity_poly.pdbx_seq_one_letter_code
_entity_poly.pdbx_strand_id
1 'polypeptide(L)'
;MHISDEQLKRPLRDYGEALEMWSTFQTKTQALSQSLSSQLRLILTGSGIPSKRAYQILLCVDDSSSMSDDNRSTAGNLAL
ESLVMVARALTVLEAGQIGVMGFGTDVFVAHALTDPPFTSQDAGARVLQQFTFRQDSTDMVLLLRRTIDHFREARLIQAS
SSRGGEDLWQLALILSDGLVQSRDHARLRPLLREAMEQRVMVVFIVMDDARSRKGHSVLELKEARFGPDGVPVIHRYLDS
FPFPYYLIVHHLEDLPGALAALLRTWFAEVNSGSHHHHHH
;
A
2 'polypeptide(L)'
;MKHHHHHHPMATDLGSFKANFIDSDGNQMTDVVEINFADATEKNISNLLNTLLGRDREEFTPYRFRIHIPGKDLIIDQYP
NDLLSLLQKHGVTNPFETTITLSAEPQA
;
B
#
loop_
_chem_comp.id
_chem_comp.type
_chem_comp.name
_chem_comp.formula
GOL non-polymer GLYCEROL 'C3 H8 O3'
MG non-polymer 'MAGNESIUM ION' 'Mg 2'
SO4 non-polymer 'SULFATE ION' 'O4 S -2'
#
# COMPACT_ATOMS: atom_id res chain seq x y z
N LEU A 8 4.72 -21.65 15.18
CA LEU A 8 5.06 -20.72 14.10
C LEU A 8 4.35 -19.34 14.19
N LYS A 9 3.99 -18.87 15.38
CA LYS A 9 3.12 -17.71 15.37
C LYS A 9 3.89 -16.41 15.14
N ARG A 10 3.16 -15.39 14.64
CA ARG A 10 3.79 -14.17 14.15
C ARG A 10 4.48 -13.43 15.30
N PRO A 11 5.62 -12.82 15.02
CA PRO A 11 6.28 -11.96 16.04
C PRO A 11 5.39 -10.78 16.47
N LEU A 12 5.36 -10.50 17.76
CA LEU A 12 4.50 -9.48 18.35
C LEU A 12 5.36 -8.39 18.99
N ARG A 13 4.89 -7.15 18.94
CA ARG A 13 5.52 -6.08 19.75
C ARG A 13 5.38 -6.41 21.20
N ASP A 14 6.33 -5.91 22.03
CA ASP A 14 6.08 -5.85 23.46
C ASP A 14 4.74 -5.22 23.75
N TYR A 15 4.07 -5.76 24.75
CA TYR A 15 2.77 -5.19 25.11
C TYR A 15 2.93 -3.77 25.68
N GLY A 16 3.99 -3.52 26.46
CA GLY A 16 4.25 -2.17 26.96
C GLY A 16 4.39 -1.15 25.86
N GLU A 17 5.15 -1.51 24.81
CA GLU A 17 5.27 -0.67 23.62
C GLU A 17 3.91 -0.42 22.96
N ALA A 18 3.12 -1.50 22.78
CA ALA A 18 1.84 -1.35 22.07
C ALA A 18 0.86 -0.47 22.87
N LEU A 19 0.85 -0.62 24.18
CA LEU A 19 -0.01 0.21 25.03
C LEU A 19 0.40 1.69 24.98
N GLU A 20 1.71 1.97 25.00
CA GLU A 20 2.15 3.37 24.92
C GLU A 20 1.89 3.96 23.54
N MET A 21 2.05 3.16 22.47
CA MET A 21 1.65 3.61 21.14
C MET A 21 0.14 3.96 21.10
N TRP A 22 -0.70 3.09 21.65
CA TRP A 22 -2.15 3.29 21.55
C TRP A 22 -2.52 4.58 22.25
N SER A 23 -2.01 4.73 23.48
CA SER A 23 -2.29 5.90 24.28
C SER A 23 -1.76 7.19 23.62
N THR A 24 -0.52 7.16 23.15
N THR A 24 -0.53 7.16 23.10
CA THR A 24 0.07 8.30 22.45
CA THR A 24 -0.01 8.39 22.49
C THR A 24 -0.73 8.66 21.20
C THR A 24 -0.71 8.69 21.16
N PHE A 25 -1.04 7.64 20.38
CA PHE A 25 -1.78 7.91 19.13
C PHE A 25 -3.18 8.42 19.42
N GLN A 26 -3.83 7.83 20.41
CA GLN A 26 -5.16 8.30 20.80
C GLN A 26 -5.13 9.79 21.15
N THR A 27 -4.15 10.20 21.97
CA THR A 27 -4.01 11.61 22.30
C THR A 27 -3.76 12.47 21.07
N LYS A 28 -2.83 12.05 20.21
CA LYS A 28 -2.52 12.78 18.98
C LYS A 28 -3.74 12.96 18.09
N THR A 29 -4.64 11.96 18.01
CA THR A 29 -5.66 11.96 16.99
C THR A 29 -7.04 12.33 17.53
N GLN A 30 -7.17 12.66 18.82
CA GLN A 30 -8.49 12.78 19.42
C GLN A 30 -9.37 13.82 18.71
N ALA A 31 -8.84 15.01 18.42
CA ALA A 31 -9.65 16.03 17.70
C ALA A 31 -9.97 15.60 16.27
N LEU A 32 -9.02 14.94 15.60
CA LEU A 32 -9.29 14.43 14.27
C LEU A 32 -10.40 13.37 14.29
N SER A 33 -10.35 12.44 15.24
CA SER A 33 -11.44 11.47 15.34
C SER A 33 -12.80 12.13 15.59
N GLN A 34 -12.83 13.20 16.40
CA GLN A 34 -14.11 13.86 16.67
C GLN A 34 -14.68 14.47 15.39
N SER A 35 -13.82 15.13 14.61
CA SER A 35 -14.29 15.68 13.34
C SER A 35 -14.79 14.58 12.41
N LEU A 36 -14.04 13.47 12.30
CA LEU A 36 -14.47 12.39 11.42
C LEU A 36 -15.79 11.76 11.90
N SER A 37 -15.95 11.56 13.23
CA SER A 37 -17.20 11.00 13.77
C SER A 37 -18.39 11.88 13.47
N SER A 38 -18.25 13.20 13.74
CA SER A 38 -19.31 14.14 13.42
C SER A 38 -19.74 14.06 11.97
N GLN A 39 -18.77 14.00 11.05
CA GLN A 39 -19.12 14.01 9.63
C GLN A 39 -19.76 12.67 9.21
N LEU A 40 -19.21 11.57 9.68
CA LEU A 40 -19.73 10.23 9.34
C LEU A 40 -21.14 10.03 9.89
N ARG A 41 -21.42 10.56 11.11
CA ARG A 41 -22.76 10.42 11.68
C ARG A 41 -23.79 11.03 10.75
N LEU A 42 -23.47 12.20 10.20
CA LEU A 42 -24.40 12.84 9.30
C LEU A 42 -24.52 12.06 7.97
N ILE A 43 -23.41 11.54 7.46
CA ILE A 43 -23.42 10.82 6.20
C ILE A 43 -24.17 9.51 6.36
N LEU A 44 -23.82 8.72 7.41
CA LEU A 44 -24.24 7.36 7.71
C LEU A 44 -25.51 7.29 8.52
N THR A 45 -25.64 8.09 9.57
CA THR A 45 -26.89 8.16 10.32
C THR A 45 -27.86 9.10 9.62
N GLY A 46 -27.81 9.00 8.29
CA GLY A 46 -28.87 9.19 7.34
C GLY A 46 -28.56 8.10 6.33
N SER A 47 -29.48 7.86 5.40
CA SER A 47 -29.37 6.73 4.47
C SER A 47 -29.49 5.39 5.17
N GLY A 48 -30.10 5.34 6.37
CA GLY A 48 -30.43 4.03 6.92
C GLY A 48 -30.38 3.79 8.43
N ILE A 49 -29.26 4.15 9.07
CA ILE A 49 -29.09 3.93 10.51
C ILE A 49 -29.63 5.13 11.31
N LYS A 52 -32.44 1.71 10.55
CA LYS A 52 -32.66 0.28 10.52
C LYS A 52 -31.47 -0.53 9.91
N ARG A 53 -30.52 0.15 9.25
CA ARG A 53 -29.29 -0.46 8.71
C ARG A 53 -28.18 -0.46 9.75
N ALA A 54 -27.45 -1.55 9.85
CA ALA A 54 -26.17 -1.55 10.58
C ALA A 54 -25.03 -1.74 9.59
N TYR A 55 -23.83 -1.38 9.98
CA TYR A 55 -22.70 -1.67 9.13
C TYR A 55 -21.76 -2.72 9.71
N GLN A 56 -20.93 -3.27 8.82
CA GLN A 56 -19.76 -4.07 9.17
C GLN A 56 -18.59 -3.45 8.42
N ILE A 57 -17.58 -3.00 9.15
CA ILE A 57 -16.44 -2.33 8.53
C ILE A 57 -15.17 -3.12 8.87
N LEU A 58 -14.38 -3.47 7.84
CA LEU A 58 -13.07 -4.11 8.02
C LEU A 58 -11.97 -3.08 7.70
N LEU A 59 -11.14 -2.74 8.70
CA LEU A 59 -9.97 -1.90 8.52
C LEU A 59 -8.80 -2.83 8.15
N CYS A 60 -8.29 -2.71 6.92
CA CYS A 60 -7.33 -3.70 6.38
C CYS A 60 -5.98 -3.01 6.30
N VAL A 61 -5.03 -3.42 7.13
CA VAL A 61 -3.77 -2.71 7.33
C VAL A 61 -2.64 -3.51 6.69
N ASP A 62 -1.84 -2.82 5.88
CA ASP A 62 -0.70 -3.41 5.17
C ASP A 62 0.46 -3.68 6.15
N ASP A 63 0.88 -4.95 6.30
CA ASP A 63 1.90 -5.37 7.23
C ASP A 63 3.23 -5.66 6.50
N SER A 64 3.36 -5.22 5.26
CA SER A 64 4.51 -5.57 4.44
C SER A 64 5.69 -4.65 4.75
N SER A 65 6.89 -5.10 4.34
CA SER A 65 8.10 -4.40 4.74
C SER A 65 8.31 -3.10 3.96
N SER A 66 7.64 -2.90 2.80
CA SER A 66 7.69 -1.56 2.17
C SER A 66 7.15 -0.46 3.11
N MET A 67 6.24 -0.81 4.05
CA MET A 67 5.74 0.16 5.04
C MET A 67 6.81 0.64 6.03
N SER A 68 7.95 -0.06 6.13
CA SER A 68 9.12 0.30 6.95
C SER A 68 10.17 1.10 6.24
N ASP A 69 10.09 1.31 4.94
CA ASP A 69 11.07 2.16 4.26
C ASP A 69 11.06 3.60 4.79
N ASP A 70 12.22 4.11 5.15
CA ASP A 70 12.19 5.47 5.67
C ASP A 70 12.53 6.48 4.58
N ASN A 71 12.94 5.99 3.39
CA ASN A 71 12.89 6.86 2.21
C ASN A 71 11.46 7.31 1.92
N ARG A 72 10.47 6.63 2.48
CA ARG A 72 9.07 7.05 2.42
C ARG A 72 8.49 7.40 3.81
N SER A 73 9.37 7.80 4.73
CA SER A 73 9.05 8.31 6.08
C SER A 73 8.12 7.38 6.89
N THR A 74 8.31 6.08 6.73
CA THR A 74 7.49 5.06 7.36
C THR A 74 6.00 5.31 7.22
N ALA A 75 5.52 4.75 6.13
CA ALA A 75 4.10 4.63 5.95
C ALA A 75 3.47 3.86 7.11
N GLY A 76 4.23 2.91 7.74
CA GLY A 76 3.59 2.12 8.77
C GLY A 76 3.23 2.95 10.01
N ASN A 77 4.08 3.92 10.35
CA ASN A 77 3.74 4.90 11.40
C ASN A 77 2.42 5.60 11.07
N LEU A 78 2.34 6.21 9.88
CA LEU A 78 1.13 6.90 9.43
C LEU A 78 -0.07 5.95 9.37
N ALA A 79 0.16 4.66 8.96
CA ALA A 79 -0.97 3.73 8.93
C ALA A 79 -1.50 3.41 10.35
N LEU A 80 -0.62 3.19 11.34
CA LEU A 80 -1.12 2.89 12.67
C LEU A 80 -1.77 4.11 13.33
N GLU A 81 -1.22 5.32 13.10
CA GLU A 81 -1.92 6.51 13.59
C GLU A 81 -3.33 6.62 13.00
N SER A 82 -3.44 6.39 11.69
CA SER A 82 -4.70 6.44 10.96
C SER A 82 -5.64 5.38 11.48
N LEU A 83 -5.09 4.17 11.74
CA LEU A 83 -5.91 3.09 12.28
C LEU A 83 -6.53 3.50 13.60
N VAL A 84 -5.72 4.08 14.51
CA VAL A 84 -6.29 4.50 15.79
C VAL A 84 -7.36 5.56 15.57
N MET A 85 -7.05 6.56 14.74
CA MET A 85 -8.02 7.64 14.46
C MET A 85 -9.37 7.09 13.99
N VAL A 86 -9.35 6.22 12.97
CA VAL A 86 -10.55 5.72 12.31
C VAL A 86 -11.32 4.76 13.22
N ALA A 87 -10.58 3.84 13.91
CA ALA A 87 -11.23 2.91 14.82
C ALA A 87 -11.96 3.64 15.94
N ARG A 88 -11.33 4.69 16.51
CA ARG A 88 -12.00 5.45 17.56
C ARG A 88 -13.19 6.27 16.98
N ALA A 89 -13.04 6.85 15.80
CA ALA A 89 -14.15 7.63 15.23
C ALA A 89 -15.37 6.73 14.98
N LEU A 90 -15.12 5.52 14.48
CA LEU A 90 -16.24 4.61 14.17
C LEU A 90 -16.89 4.04 15.43
N THR A 91 -16.09 3.85 16.48
CA THR A 91 -16.59 3.26 17.73
C THR A 91 -17.64 4.15 18.38
N VAL A 92 -17.43 5.46 18.41
CA VAL A 92 -18.44 6.29 19.07
C VAL A 92 -19.76 6.33 18.29
N LEU A 93 -19.77 5.94 17.02
CA LEU A 93 -21.02 5.96 16.25
C LEU A 93 -21.99 4.87 16.67
N GLU A 94 -21.50 3.74 17.17
CA GLU A 94 -22.36 2.64 17.61
C GLU A 94 -23.35 2.24 16.53
N ALA A 95 -22.87 2.18 15.28
CA ALA A 95 -23.71 1.86 14.13
C ALA A 95 -23.45 0.46 13.55
N GLY A 96 -22.56 -0.31 14.16
CA GLY A 96 -22.23 -1.61 13.63
C GLY A 96 -20.89 -2.10 14.16
N GLN A 97 -20.41 -3.17 13.56
CA GLN A 97 -19.25 -3.90 14.03
C GLN A 97 -17.99 -3.45 13.27
N ILE A 98 -16.86 -3.44 13.96
CA ILE A 98 -15.60 -2.98 13.40
C ILE A 98 -14.59 -4.10 13.58
N GLY A 99 -13.96 -4.54 12.49
CA GLY A 99 -12.94 -5.58 12.54
C GLY A 99 -11.67 -5.01 11.92
N VAL A 100 -10.54 -5.71 12.14
CA VAL A 100 -9.22 -5.31 11.65
C VAL A 100 -8.56 -6.56 11.03
N MET A 101 -8.13 -6.43 9.76
CA MET A 101 -7.35 -7.46 9.06
C MET A 101 -5.97 -6.91 8.79
N GLY A 102 -4.98 -7.79 8.84
CA GLY A 102 -3.63 -7.48 8.40
C GLY A 102 -3.30 -8.28 7.16
N PHE A 103 -2.40 -7.74 6.33
CA PHE A 103 -2.04 -8.48 5.11
C PHE A 103 -0.63 -8.14 4.66
N GLY A 104 0.00 -9.15 4.07
CA GLY A 104 1.30 -9.02 3.46
C GLY A 104 1.50 -10.26 2.59
N THR A 105 2.31 -11.20 3.08
CA THR A 105 2.38 -12.53 2.48
C THR A 105 1.17 -13.36 2.86
N ASP A 106 0.69 -13.18 4.07
CA ASP A 106 -0.54 -13.83 4.56
C ASP A 106 -1.64 -12.79 4.74
N VAL A 107 -2.80 -13.25 5.15
CA VAL A 107 -3.90 -12.39 5.59
C VAL A 107 -4.34 -12.91 6.93
N PHE A 108 -4.49 -12.01 7.92
CA PHE A 108 -4.89 -12.47 9.25
C PHE A 108 -5.94 -11.55 9.86
N VAL A 109 -6.77 -12.12 10.72
CA VAL A 109 -7.77 -11.32 11.43
C VAL A 109 -7.11 -10.85 12.72
N ALA A 110 -6.86 -9.55 12.82
CA ALA A 110 -6.28 -9.01 14.06
C ALA A 110 -7.36 -8.75 15.13
N HIS A 111 -8.57 -8.41 14.70
CA HIS A 111 -9.67 -8.13 15.60
C HIS A 111 -10.96 -8.52 14.86
N ALA A 112 -11.71 -9.45 15.41
CA ALA A 112 -12.92 -9.94 14.76
C ALA A 112 -14.05 -8.93 14.86
N LEU A 113 -14.94 -8.94 13.86
CA LEU A 113 -16.18 -8.15 13.91
C LEU A 113 -16.93 -8.34 15.20
N THR A 114 -16.80 -9.51 15.82
CA THR A 114 -17.48 -9.84 17.08
C THR A 114 -16.63 -9.64 18.34
N ASP A 115 -15.41 -9.15 18.23
CA ASP A 115 -14.52 -8.93 19.37
C ASP A 115 -14.94 -7.68 20.16
N PRO A 116 -14.26 -7.42 21.32
CA PRO A 116 -14.67 -6.23 22.12
C PRO A 116 -14.47 -4.94 21.39
N PRO A 117 -15.19 -3.91 21.79
CA PRO A 117 -15.11 -2.64 21.05
C PRO A 117 -13.86 -1.84 21.42
N PHE A 118 -13.48 -0.96 20.50
CA PHE A 118 -12.30 -0.12 20.79
C PHE A 118 -12.57 0.97 21.83
N THR A 119 -13.28 0.61 22.89
CA THR A 119 -13.43 1.48 24.03
C THR A 119 -12.37 1.24 25.10
N SER A 120 -11.55 0.21 24.98
CA SER A 120 -10.55 -0.01 26.01
C SER A 120 -9.18 0.08 25.37
N GLN A 121 -8.22 0.63 26.12
CA GLN A 121 -6.84 0.68 25.64
C GLN A 121 -6.31 -0.72 25.34
N ASP A 122 -6.71 -1.71 26.15
CA ASP A 122 -6.21 -3.08 25.99
C ASP A 122 -6.58 -3.62 24.63
N ALA A 123 -7.84 -3.39 24.21
CA ALA A 123 -8.26 -3.93 22.93
C ALA A 123 -7.47 -3.28 21.80
N GLY A 124 -7.23 -1.96 21.88
CA GLY A 124 -6.46 -1.31 20.82
C GLY A 124 -5.00 -1.76 20.83
N ALA A 125 -4.42 -1.89 22.02
CA ALA A 125 -3.03 -2.30 22.13
C ALA A 125 -2.83 -3.71 21.58
N ARG A 126 -3.76 -4.62 21.83
CA ARG A 126 -3.62 -5.99 21.31
C ARG A 126 -3.62 -6.01 19.80
N VAL A 127 -4.29 -5.04 19.16
CA VAL A 127 -4.24 -4.94 17.71
C VAL A 127 -2.86 -4.42 17.26
N LEU A 128 -2.40 -3.29 17.83
CA LEU A 128 -1.11 -2.74 17.39
C LEU A 128 0.04 -3.73 17.56
N GLN A 129 -0.04 -4.61 18.58
CA GLN A 129 1.02 -5.61 18.81
C GLN A 129 1.27 -6.48 17.57
N GLN A 130 0.23 -6.71 16.77
CA GLN A 130 0.30 -7.66 15.67
C GLN A 130 0.86 -7.07 14.39
N PHE A 131 1.19 -5.78 14.36
CA PHE A 131 1.67 -5.13 13.15
C PHE A 131 3.13 -4.76 13.33
N THR A 132 3.99 -5.42 12.55
CA THR A 132 5.44 -5.16 12.60
C THR A 132 6.05 -4.72 11.28
N PHE A 133 5.31 -4.78 10.16
CA PHE A 133 5.79 -4.20 8.88
C PHE A 133 7.10 -4.85 8.42
N ARG A 134 7.12 -6.17 8.42
N ARG A 134 7.11 -6.18 8.45
CA ARG A 134 8.31 -6.88 7.96
CA ARG A 134 8.28 -6.95 8.04
C ARG A 134 8.01 -7.96 6.91
C ARG A 134 7.97 -8.05 7.03
N GLN A 135 6.74 -8.14 6.52
CA GLN A 135 6.42 -9.25 5.61
C GLN A 135 7.05 -9.01 4.24
N ASP A 136 7.53 -10.08 3.60
N ASP A 136 7.54 -10.09 3.60
CA ASP A 136 8.32 -9.90 2.39
CA ASP A 136 8.34 -9.91 2.37
C ASP A 136 7.51 -9.69 1.11
C ASP A 136 7.51 -9.63 1.10
N SER A 137 6.18 -9.65 1.15
CA SER A 137 5.41 -9.31 -0.07
C SER A 137 4.11 -8.64 0.33
N THR A 138 3.42 -8.10 -0.68
CA THR A 138 2.17 -7.31 -0.47
C THR A 138 1.08 -7.95 -1.35
N ASP A 139 0.36 -8.93 -0.81
CA ASP A 139 -0.50 -9.79 -1.65
C ASP A 139 -1.92 -9.22 -1.60
N MET A 140 -2.13 -8.18 -2.41
CA MET A 140 -3.44 -7.51 -2.45
C MET A 140 -4.54 -8.38 -3.06
N VAL A 141 -4.19 -9.23 -4.01
CA VAL A 141 -5.16 -10.21 -4.54
C VAL A 141 -5.68 -11.11 -3.42
N LEU A 142 -4.78 -11.67 -2.60
CA LEU A 142 -5.21 -12.46 -1.47
C LEU A 142 -6.06 -11.66 -0.48
N LEU A 143 -5.65 -10.41 -0.20
CA LEU A 143 -6.45 -9.54 0.66
C LEU A 143 -7.90 -9.48 0.18
N LEU A 144 -8.08 -9.18 -1.12
CA LEU A 144 -9.44 -9.01 -1.66
C LEU A 144 -10.23 -10.32 -1.64
N ARG A 145 -9.60 -11.44 -2.04
CA ARG A 145 -10.28 -12.75 -1.95
C ARG A 145 -10.74 -13.01 -0.52
N ARG A 146 -9.85 -12.79 0.47
CA ARG A 146 -10.20 -13.12 1.86
C ARG A 146 -11.26 -12.16 2.39
N THR A 147 -11.18 -10.88 1.99
CA THR A 147 -12.16 -9.89 2.47
C THR A 147 -13.55 -10.17 1.89
N ILE A 148 -13.62 -10.43 0.60
CA ILE A 148 -14.88 -10.86 0.00
C ILE A 148 -15.41 -12.10 0.71
N ASP A 149 -14.53 -13.09 0.99
CA ASP A 149 -15.06 -14.34 1.55
C ASP A 149 -15.54 -14.11 2.99
N HIS A 150 -14.81 -13.24 3.73
CA HIS A 150 -15.17 -12.92 5.10
C HIS A 150 -16.56 -12.29 5.17
N PHE A 151 -16.78 -11.26 4.34
CA PHE A 151 -18.05 -10.57 4.29
C PHE A 151 -19.15 -11.48 3.77
N ARG A 152 -18.85 -12.38 2.82
CA ARG A 152 -19.90 -13.31 2.37
C ARG A 152 -20.32 -14.27 3.49
N GLU A 153 -19.37 -14.82 4.26
CA GLU A 153 -19.75 -15.62 5.42
C GLU A 153 -20.59 -14.80 6.40
N ALA A 154 -20.21 -13.53 6.65
CA ALA A 154 -21.02 -12.68 7.52
C ALA A 154 -22.45 -12.51 7.02
N ARG A 155 -22.64 -12.41 5.68
CA ARG A 155 -23.99 -12.34 5.14
C ARG A 155 -24.76 -13.62 5.42
N LEU A 156 -24.15 -14.77 5.14
CA LEU A 156 -24.84 -16.05 5.33
C LEU A 156 -25.23 -16.27 6.80
N ILE A 157 -24.30 -16.00 7.71
CA ILE A 157 -24.62 -15.98 9.14
C ILE A 157 -25.78 -15.03 9.42
N GLN A 158 -25.81 -13.88 8.77
CA GLN A 158 -26.85 -12.89 9.07
C GLN A 158 -28.22 -13.37 8.62
N ALA A 159 -28.31 -13.89 7.39
CA ALA A 159 -29.58 -14.41 6.89
C ALA A 159 -30.12 -15.50 7.81
N SER A 160 -29.27 -16.49 8.12
CA SER A 160 -29.69 -17.68 8.86
C SER A 160 -30.17 -17.35 10.26
N SER A 161 -29.60 -16.34 10.90
CA SER A 161 -30.05 -15.98 12.24
C SER A 161 -31.49 -15.46 12.18
N ASP A 167 -30.30 -6.39 5.75
CA ASP A 167 -28.99 -6.43 5.09
C ASP A 167 -27.97 -5.37 5.62
N LEU A 168 -26.80 -5.83 6.00
CA LEU A 168 -25.81 -4.90 6.45
C LEU A 168 -25.23 -4.12 5.28
N TRP A 169 -24.65 -2.98 5.60
CA TRP A 169 -23.77 -2.30 4.65
C TRP A 169 -22.34 -2.68 5.04
N GLN A 170 -21.62 -3.28 4.09
CA GLN A 170 -20.29 -3.82 4.35
C GLN A 170 -19.25 -2.97 3.64
N LEU A 171 -18.26 -2.49 4.41
CA LEU A 171 -17.25 -1.58 3.91
C LEU A 171 -15.85 -2.06 4.28
N ALA A 172 -14.91 -2.09 3.31
CA ALA A 172 -13.51 -2.32 3.62
C ALA A 172 -12.71 -1.06 3.35
N LEU A 173 -11.91 -0.65 4.34
CA LEU A 173 -11.01 0.50 4.22
C LEU A 173 -9.59 -0.06 4.25
N ILE A 174 -8.79 0.23 3.23
CA ILE A 174 -7.46 -0.37 3.10
C ILE A 174 -6.45 0.71 3.44
N LEU A 175 -5.60 0.47 4.44
CA LEU A 175 -4.59 1.45 4.85
C LEU A 175 -3.23 0.91 4.41
N SER A 176 -2.62 1.53 3.41
CA SER A 176 -1.51 0.86 2.74
C SER A 176 -0.71 1.91 1.99
N ASP A 177 0.61 1.67 1.77
CA ASP A 177 1.28 2.60 0.84
C ASP A 177 0.81 2.44 -0.63
N GLY A 178 -0.04 1.45 -0.95
CA GLY A 178 -0.59 1.32 -2.32
C GLY A 178 0.37 0.75 -3.37
N LEU A 179 1.53 0.26 -2.96
CA LEU A 179 2.58 -0.20 -3.88
C LEU A 179 2.46 -1.72 -4.11
N VAL A 180 2.08 -2.11 -5.33
CA VAL A 180 2.21 -3.49 -5.81
C VAL A 180 2.78 -3.43 -7.23
N GLN A 181 3.31 -4.58 -7.71
CA GLN A 181 3.78 -4.62 -9.09
C GLN A 181 2.63 -4.20 -9.99
N SER A 182 2.94 -3.39 -11.02
CA SER A 182 1.87 -2.88 -11.91
C SER A 182 1.12 -4.00 -12.63
N ARG A 183 1.75 -5.16 -12.88
CA ARG A 183 0.99 -6.24 -13.50
C ARG A 183 -0.14 -6.71 -12.60
N ASP A 184 -0.09 -6.42 -11.28
CA ASP A 184 -1.15 -6.81 -10.38
C ASP A 184 -2.38 -5.91 -10.50
N HIS A 185 -2.24 -4.69 -11.06
CA HIS A 185 -3.41 -3.84 -11.23
C HIS A 185 -4.48 -4.53 -12.07
N ALA A 186 -4.10 -5.16 -13.20
CA ALA A 186 -5.08 -5.88 -14.00
C ALA A 186 -5.62 -7.08 -13.22
N ARG A 187 -4.77 -7.74 -12.44
CA ARG A 187 -5.26 -8.90 -11.69
C ARG A 187 -6.25 -8.51 -10.60
N LEU A 188 -6.17 -7.29 -10.07
CA LEU A 188 -7.13 -6.89 -9.05
C LEU A 188 -8.50 -6.50 -9.62
N ARG A 189 -8.58 -6.13 -10.88
CA ARG A 189 -9.87 -5.63 -11.41
C ARG A 189 -10.99 -6.65 -11.29
N PRO A 190 -10.82 -7.93 -11.66
CA PRO A 190 -11.95 -8.85 -11.50
C PRO A 190 -12.36 -9.05 -10.05
N LEU A 191 -11.41 -8.95 -9.10
CA LEU A 191 -11.80 -9.10 -7.70
C LEU A 191 -12.60 -7.91 -7.22
N LEU A 192 -12.23 -6.68 -7.65
CA LEU A 192 -13.04 -5.50 -7.35
C LEU A 192 -14.44 -5.60 -7.97
N ARG A 193 -14.53 -6.15 -9.18
CA ARG A 193 -15.87 -6.33 -9.76
C ARG A 193 -16.68 -7.28 -8.91
N GLU A 194 -16.05 -8.36 -8.43
CA GLU A 194 -16.77 -9.33 -7.61
C GLU A 194 -17.26 -8.69 -6.30
N ALA A 195 -16.40 -7.89 -5.63
CA ALA A 195 -16.83 -7.14 -4.45
C ALA A 195 -18.02 -6.24 -4.74
N MET A 196 -17.96 -5.47 -5.84
CA MET A 196 -19.04 -4.56 -6.21
C MET A 196 -20.35 -5.31 -6.50
N GLU A 197 -20.28 -6.43 -7.21
CA GLU A 197 -21.46 -7.27 -7.43
C GLU A 197 -22.10 -7.70 -6.12
N GLN A 198 -21.29 -7.94 -5.08
CA GLN A 198 -21.83 -8.33 -3.78
C GLN A 198 -22.10 -7.14 -2.87
N ARG A 199 -22.10 -5.91 -3.42
CA ARG A 199 -22.31 -4.63 -2.74
C ARG A 199 -21.31 -4.34 -1.63
N VAL A 200 -20.12 -4.95 -1.66
CA VAL A 200 -19.06 -4.60 -0.71
C VAL A 200 -18.38 -3.34 -1.22
N MET A 201 -18.35 -2.30 -0.40
CA MET A 201 -17.72 -1.05 -0.80
C MET A 201 -16.25 -1.11 -0.35
N VAL A 202 -15.34 -0.80 -1.26
CA VAL A 202 -13.91 -0.87 -1.01
C VAL A 202 -13.33 0.54 -1.24
N VAL A 203 -12.69 1.10 -0.21
CA VAL A 203 -12.07 2.42 -0.26
C VAL A 203 -10.58 2.28 0.08
N PHE A 204 -9.72 2.81 -0.78
CA PHE A 204 -8.28 2.67 -0.52
C PHE A 204 -7.73 3.95 0.08
N ILE A 205 -7.00 3.85 1.19
CA ILE A 205 -6.40 5.04 1.84
C ILE A 205 -4.89 4.94 1.63
N VAL A 206 -4.38 5.68 0.65
CA VAL A 206 -2.96 5.62 0.28
C VAL A 206 -2.14 6.41 1.28
N MET A 207 -1.21 5.74 1.98
CA MET A 207 -0.27 6.39 2.93
C MET A 207 0.94 6.90 2.14
N ASP A 208 1.05 8.24 1.99
CA ASP A 208 2.13 8.87 1.21
C ASP A 208 2.71 10.04 2.00
N ASP A 209 3.42 9.72 3.09
CA ASP A 209 3.92 10.75 4.01
C ASP A 209 4.66 11.89 3.30
N ALA A 210 4.29 13.14 3.62
CA ALA A 210 4.91 14.32 3.00
C ALA A 210 6.43 14.32 3.17
N ARG A 211 6.95 13.65 4.21
CA ARG A 211 8.37 13.74 4.48
C ARG A 211 9.18 12.74 3.65
N SER A 212 8.53 12.04 2.72
CA SER A 212 9.21 11.15 1.80
C SER A 212 10.30 11.92 1.07
N ARG A 213 11.44 11.26 0.88
CA ARG A 213 12.52 11.87 0.11
C ARG A 213 12.06 12.16 -1.30
N LYS A 214 12.65 13.19 -1.88
CA LYS A 214 12.27 13.65 -3.20
C LYS A 214 12.51 12.51 -4.19
N GLY A 215 11.51 12.30 -5.06
CA GLY A 215 11.53 11.22 -6.02
C GLY A 215 10.89 9.93 -5.53
N HIS A 216 10.59 9.80 -4.23
CA HIS A 216 10.10 8.53 -3.67
C HIS A 216 8.62 8.54 -3.28
N SER A 217 7.90 9.62 -3.53
CA SER A 217 6.45 9.65 -3.30
C SER A 217 5.73 8.75 -4.32
N VAL A 218 4.56 8.22 -3.92
CA VAL A 218 3.75 7.42 -4.84
C VAL A 218 3.32 8.26 -6.04
N LEU A 219 3.14 9.58 -5.85
CA LEU A 219 2.81 10.45 -6.96
C LEU A 219 3.97 10.67 -7.89
N GLU A 220 5.20 10.44 -7.44
CA GLU A 220 6.37 10.63 -8.29
C GLU A 220 6.82 9.34 -8.98
N LEU A 221 6.32 8.19 -8.55
CA LEU A 221 6.82 6.90 -9.05
C LEU A 221 6.49 6.75 -10.53
N LYS A 222 7.50 6.43 -11.34
CA LYS A 222 7.33 6.33 -12.78
C LYS A 222 7.29 4.86 -13.19
N GLU A 223 6.92 4.63 -14.45
CA GLU A 223 6.77 3.29 -14.99
C GLU A 223 7.30 3.22 -16.41
N ALA A 224 8.28 2.34 -16.66
CA ALA A 224 8.91 2.17 -17.97
C ALA A 224 8.22 1.07 -18.78
N ARG A 225 7.75 1.42 -19.98
CA ARG A 225 7.19 0.47 -20.92
C ARG A 225 8.02 0.52 -22.19
N PHE A 226 8.50 -0.62 -22.65
CA PHE A 226 9.38 -0.65 -23.82
C PHE A 226 8.59 -1.11 -25.03
N GLY A 227 8.68 -0.34 -26.11
CA GLY A 227 7.94 -0.66 -27.30
C GLY A 227 8.60 -1.76 -28.09
N PRO A 228 8.00 -2.12 -29.22
CA PRO A 228 8.65 -3.12 -30.10
C PRO A 228 10.03 -2.67 -30.55
N ASP A 229 10.18 -1.37 -30.80
CA ASP A 229 11.45 -0.77 -31.19
C ASP A 229 12.47 -0.71 -30.06
N GLY A 230 12.06 -0.91 -28.80
CA GLY A 230 12.96 -0.75 -27.67
C GLY A 230 13.04 0.66 -27.12
N VAL A 231 12.28 1.60 -27.64
CA VAL A 231 12.26 2.94 -27.07
C VAL A 231 11.40 2.92 -25.79
N PRO A 232 11.92 3.41 -24.67
CA PRO A 232 11.11 3.40 -23.44
C PRO A 232 10.11 4.56 -23.44
N VAL A 233 8.86 4.27 -23.09
CA VAL A 233 7.82 5.28 -22.92
C VAL A 233 7.48 5.36 -21.43
N ILE A 234 7.50 6.57 -20.85
CA ILE A 234 7.32 6.75 -19.40
C ILE A 234 5.85 6.94 -19.07
N HIS A 235 5.36 6.22 -18.06
CA HIS A 235 4.02 6.38 -17.49
C HIS A 235 4.18 6.70 -16.03
N ARG A 236 3.07 6.99 -15.36
CA ARG A 236 3.01 7.23 -13.92
C ARG A 236 2.37 6.04 -13.26
N TYR A 237 2.89 5.65 -12.08
CA TYR A 237 2.43 4.43 -11.41
C TYR A 237 0.89 4.44 -11.22
N LEU A 238 0.31 5.55 -10.76
CA LEU A 238 -1.13 5.53 -10.44
C LEU A 238 -2.02 5.56 -11.67
N ASP A 239 -1.47 5.72 -12.89
CA ASP A 239 -2.30 5.76 -14.10
C ASP A 239 -3.20 4.55 -14.21
N SER A 240 -2.74 3.37 -13.75
CA SER A 240 -3.51 2.15 -13.88
C SER A 240 -4.01 1.65 -12.52
N PHE A 241 -3.91 2.46 -11.47
CA PHE A 241 -4.35 2.02 -10.14
C PHE A 241 -5.82 1.59 -10.21
N PRO A 242 -6.16 0.35 -9.82
CA PRO A 242 -7.47 -0.20 -10.20
C PRO A 242 -8.60 0.16 -9.24
N PHE A 243 -8.33 0.77 -8.09
CA PHE A 243 -9.40 1.05 -7.13
C PHE A 243 -10.09 2.34 -7.54
N PRO A 244 -11.38 2.29 -7.89
CA PRO A 244 -12.09 3.53 -8.27
C PRO A 244 -12.25 4.51 -7.12
N TYR A 245 -12.27 4.04 -5.88
CA TYR A 245 -12.49 4.90 -4.71
C TYR A 245 -11.21 4.91 -3.87
N TYR A 246 -10.47 6.03 -3.90
CA TYR A 246 -9.32 6.15 -2.99
C TYR A 246 -9.03 7.61 -2.70
N LEU A 247 -8.15 7.79 -1.70
CA LEU A 247 -7.69 9.10 -1.26
C LEU A 247 -6.22 8.97 -0.85
N ILE A 248 -5.48 10.05 -1.04
CA ILE A 248 -4.05 10.04 -0.73
C ILE A 248 -3.83 10.93 0.51
N VAL A 249 -3.16 10.37 1.53
CA VAL A 249 -2.88 11.06 2.81
C VAL A 249 -1.38 11.39 2.83
N HIS A 250 -1.04 12.67 2.97
CA HIS A 250 0.36 13.07 3.10
C HIS A 250 0.68 13.43 4.54
N HIS A 251 -0.35 13.82 5.30
CA HIS A 251 -0.26 14.22 6.70
C HIS A 251 -1.40 13.56 7.42
N LEU A 252 -1.16 13.13 8.67
CA LEU A 252 -2.22 12.54 9.48
C LEU A 252 -3.49 13.39 9.49
N GLU A 253 -3.34 14.71 9.58
CA GLU A 253 -4.47 15.65 9.66
C GLU A 253 -5.34 15.66 8.40
N ASP A 254 -4.79 15.17 7.25
CA ASP A 254 -5.53 15.06 5.97
C ASP A 254 -6.71 14.12 6.05
N LEU A 255 -6.66 13.11 6.94
CA LEU A 255 -7.53 11.96 6.76
C LEU A 255 -9.03 12.27 6.99
N PRO A 256 -9.44 12.89 8.11
CA PRO A 256 -10.90 13.07 8.31
C PRO A 256 -11.61 13.76 7.15
N GLY A 257 -11.05 14.88 6.70
CA GLY A 257 -11.72 15.69 5.67
C GLY A 257 -11.87 14.90 4.39
N ALA A 258 -10.81 14.13 4.03
CA ALA A 258 -10.80 13.44 2.74
C ALA A 258 -11.67 12.18 2.78
N LEU A 259 -11.58 11.39 3.86
CA LEU A 259 -12.41 10.19 3.92
C LEU A 259 -13.89 10.55 3.98
N ALA A 260 -14.24 11.56 4.79
CA ALA A 260 -15.63 12.04 4.82
C ALA A 260 -16.09 12.57 3.47
N ALA A 261 -15.25 13.34 2.77
CA ALA A 261 -15.67 13.86 1.48
C ALA A 261 -15.91 12.73 0.48
N LEU A 262 -15.06 11.71 0.53
CA LEU A 262 -15.24 10.61 -0.42
C LEU A 262 -16.57 9.87 -0.15
N LEU A 263 -16.83 9.52 1.10
CA LEU A 263 -18.07 8.82 1.43
C LEU A 263 -19.30 9.70 1.23
N ARG A 264 -19.21 11.00 1.57
CA ARG A 264 -20.33 11.89 1.36
C ARG A 264 -20.73 11.94 -0.11
N THR A 265 -19.74 12.01 -0.98
CA THR A 265 -19.97 12.14 -2.42
C THR A 265 -20.52 10.84 -2.99
N TRP A 266 -19.94 9.71 -2.57
CA TRP A 266 -20.44 8.42 -3.02
C TRP A 266 -21.90 8.21 -2.60
N PHE A 267 -22.23 8.52 -1.34
CA PHE A 267 -23.62 8.39 -0.89
C PHE A 267 -24.55 9.40 -1.55
N ALA A 268 -24.06 10.61 -1.89
CA ALA A 268 -24.87 11.55 -2.64
C ALA A 268 -25.27 10.94 -3.98
N GLU A 269 -24.35 10.17 -4.60
CA GLU A 269 -24.57 9.66 -5.95
C GLU A 269 -25.45 8.41 -5.91
N VAL A 270 -25.20 7.54 -4.95
CA VAL A 270 -25.99 6.33 -4.82
C VAL A 270 -27.39 6.64 -4.32
N ASN A 271 -27.54 7.72 -3.55
CA ASN A 271 -28.88 8.18 -3.18
C ASN A 271 -29.56 8.96 -4.30
N SER A 272 -28.79 9.31 -5.35
CA SER A 272 -29.20 9.86 -6.66
C SER A 272 -29.15 11.37 -6.63
N HIS B 8 1.75 -10.29 -17.59
CA HIS B 8 1.10 -11.00 -18.68
C HIS B 8 0.69 -12.41 -18.14
N PRO B 9 0.99 -13.58 -18.76
CA PRO B 9 0.32 -14.80 -18.30
C PRO B 9 0.71 -15.19 -16.88
N MET B 10 -0.29 -15.68 -16.13
CA MET B 10 -0.06 -16.05 -14.74
C MET B 10 1.10 -17.05 -14.62
N ALA B 11 1.18 -18.00 -15.53
CA ALA B 11 2.12 -19.11 -15.27
C ALA B 11 3.59 -18.69 -15.37
N THR B 12 3.92 -17.60 -16.10
CA THR B 12 5.34 -17.28 -16.32
C THR B 12 5.70 -15.80 -16.26
N ASP B 13 4.79 -14.91 -15.89
CA ASP B 13 5.20 -13.50 -15.79
C ASP B 13 6.24 -13.33 -14.70
N LEU B 14 7.30 -12.58 -15.02
CA LEU B 14 8.44 -12.41 -14.12
C LEU B 14 8.31 -11.20 -13.18
N GLY B 15 7.31 -10.35 -13.38
CA GLY B 15 7.13 -9.21 -12.52
C GLY B 15 8.13 -8.07 -12.78
N SER B 16 8.31 -7.26 -11.75
CA SER B 16 9.01 -5.99 -11.92
C SER B 16 9.66 -5.60 -10.59
N PHE B 17 10.52 -4.58 -10.65
CA PHE B 17 11.14 -4.00 -9.46
C PHE B 17 11.18 -2.47 -9.57
N LYS B 18 11.56 -1.79 -8.49
CA LYS B 18 11.71 -0.34 -8.50
C LYS B 18 13.18 0.02 -8.42
N ALA B 19 13.60 0.94 -9.29
CA ALA B 19 15.00 1.31 -9.43
C ALA B 19 15.24 2.73 -8.92
N ASN B 20 16.31 2.91 -8.15
CA ASN B 20 16.78 4.24 -7.75
C ASN B 20 18.15 4.49 -8.37
N PHE B 21 18.25 5.50 -9.23
CA PHE B 21 19.49 5.81 -9.95
C PHE B 21 20.29 6.86 -9.19
N ILE B 22 21.54 6.54 -8.82
CA ILE B 22 22.45 7.50 -8.22
C ILE B 22 23.73 7.59 -9.06
N ASP B 23 24.33 8.79 -9.07
CA ASP B 23 25.55 9.04 -9.84
C ASP B 23 26.76 8.72 -8.96
N SER B 24 27.96 8.97 -9.48
CA SER B 24 29.16 8.56 -8.75
C SER B 24 29.39 9.38 -7.48
N ASP B 25 28.73 10.52 -7.35
CA ASP B 25 28.74 11.21 -6.07
C ASP B 25 27.74 10.65 -5.07
N GLY B 26 26.91 9.70 -5.48
CA GLY B 26 25.90 9.18 -4.59
C GLY B 26 24.61 9.96 -4.61
N ASN B 27 24.45 10.89 -5.54
CA ASN B 27 23.25 11.70 -5.59
C ASN B 27 22.20 11.08 -6.52
N GLN B 28 20.95 11.10 -6.05
CA GLN B 28 19.84 10.56 -6.82
C GLN B 28 19.67 11.33 -8.13
N MET B 29 19.40 10.61 -9.23
CA MET B 29 19.37 11.26 -10.54
C MET B 29 17.97 11.48 -11.11
N THR B 30 16.98 10.67 -10.69
CA THR B 30 15.64 10.71 -11.29
C THR B 30 14.65 10.36 -10.20
N ASP B 31 13.36 10.42 -10.55
CA ASP B 31 12.36 9.75 -9.74
C ASP B 31 12.65 8.24 -9.72
N VAL B 32 12.20 7.57 -8.66
CA VAL B 32 12.16 6.10 -8.70
C VAL B 32 11.33 5.64 -9.90
N VAL B 33 11.74 4.51 -10.52
CA VAL B 33 11.01 4.01 -11.68
C VAL B 33 10.85 2.49 -11.63
N GLU B 34 9.65 2.03 -11.99
CA GLU B 34 9.32 0.60 -12.10
C GLU B 34 9.76 0.04 -13.46
N ILE B 35 10.48 -1.11 -13.43
CA ILE B 35 11.04 -1.77 -14.61
C ILE B 35 10.64 -3.23 -14.56
N ASN B 36 10.09 -3.74 -15.67
CA ASN B 36 9.83 -5.17 -15.81
C ASN B 36 11.12 -5.96 -15.88
N PHE B 37 11.13 -7.10 -15.18
CA PHE B 37 12.31 -7.96 -15.29
C PHE B 37 12.50 -8.47 -16.70
N ALA B 38 11.42 -8.60 -17.48
CA ALA B 38 11.59 -9.07 -18.85
C ALA B 38 12.28 -8.03 -19.74
N ASP B 39 12.39 -6.78 -19.28
CA ASP B 39 13.06 -5.67 -19.99
C ASP B 39 14.42 -5.32 -19.41
N ALA B 40 14.84 -5.97 -18.33
CA ALA B 40 15.94 -5.46 -17.52
C ALA B 40 17.32 -5.81 -18.11
N THR B 41 17.55 -5.51 -19.39
CA THR B 41 18.91 -5.60 -19.90
C THR B 41 19.66 -4.31 -19.56
N GLU B 42 21.00 -4.39 -19.51
CA GLU B 42 21.75 -3.20 -19.13
C GLU B 42 21.57 -2.08 -20.16
N LYS B 43 21.41 -2.46 -21.42
CA LYS B 43 21.22 -1.48 -22.47
C LYS B 43 19.83 -0.83 -22.41
N ASN B 44 18.79 -1.62 -22.12
CA ASN B 44 17.47 -1.02 -21.94
C ASN B 44 17.49 -0.04 -20.78
N ILE B 45 18.18 -0.40 -19.68
CA ILE B 45 18.17 0.49 -18.51
C ILE B 45 18.96 1.78 -18.83
N SER B 46 20.02 1.65 -19.63
CA SER B 46 20.77 2.84 -20.04
C SER B 46 19.91 3.78 -20.87
N ASN B 47 19.18 3.25 -21.85
CA ASN B 47 18.26 4.09 -22.63
C ASN B 47 17.19 4.71 -21.73
N LEU B 48 16.71 3.95 -20.75
CA LEU B 48 15.69 4.44 -19.82
C LEU B 48 16.22 5.61 -19.02
N LEU B 49 17.45 5.50 -18.49
CA LEU B 49 17.96 6.61 -17.70
C LEU B 49 18.03 7.88 -18.54
N ASN B 50 18.52 7.76 -19.79
CA ASN B 50 18.62 8.95 -20.65
C ASN B 50 17.25 9.54 -20.97
N THR B 51 16.22 8.69 -21.07
CA THR B 51 14.86 9.17 -21.35
C THR B 51 14.29 9.90 -20.13
N LEU B 52 14.53 9.36 -18.92
CA LEU B 52 14.07 10.04 -17.71
C LEU B 52 14.76 11.38 -17.53
N LEU B 53 16.02 11.50 -17.94
CA LEU B 53 16.68 12.81 -17.93
C LEU B 53 16.22 13.71 -19.07
N GLY B 54 15.27 13.28 -19.90
CA GLY B 54 14.77 14.11 -20.98
C GLY B 54 15.74 14.34 -22.13
N ARG B 55 16.85 13.62 -22.18
CA ARG B 55 17.86 13.85 -23.22
C ARG B 55 17.34 13.42 -24.58
N ASP B 56 17.80 14.12 -25.62
CA ASP B 56 17.31 13.79 -26.94
C ASP B 56 18.00 12.54 -27.47
N ARG B 57 17.31 11.84 -28.37
CA ARG B 57 17.66 10.46 -28.67
C ARG B 57 19.12 10.35 -29.12
N GLU B 58 19.62 11.31 -29.90
CA GLU B 58 21.02 11.32 -30.31
C GLU B 58 21.95 11.92 -29.26
N GLU B 59 21.43 12.26 -28.08
CA GLU B 59 22.22 12.81 -26.99
C GLU B 59 22.52 11.78 -25.89
N PHE B 60 22.14 10.52 -26.11
CA PHE B 60 22.21 9.54 -25.05
C PHE B 60 23.64 9.30 -24.62
N THR B 61 23.90 9.42 -23.33
CA THR B 61 25.13 8.90 -22.75
C THR B 61 24.98 7.41 -22.47
N PRO B 62 25.79 6.53 -23.08
CA PRO B 62 25.74 5.12 -22.71
C PRO B 62 26.16 4.92 -21.26
N TYR B 63 25.39 4.12 -20.52
CA TYR B 63 25.69 3.88 -19.11
C TYR B 63 25.98 2.40 -18.84
N ARG B 64 26.89 2.16 -17.89
CA ARG B 64 26.97 0.91 -17.16
C ARG B 64 26.43 1.12 -15.74
N PHE B 65 25.96 0.05 -15.12
CA PHE B 65 25.35 0.14 -13.80
C PHE B 65 25.97 -0.85 -12.82
N ARG B 66 26.26 -0.40 -11.60
CA ARG B 66 26.61 -1.30 -10.51
C ARG B 66 25.39 -1.53 -9.62
N ILE B 67 25.16 -2.78 -9.23
CA ILE B 67 23.95 -3.15 -8.48
C ILE B 67 24.28 -3.21 -6.98
N HIS B 68 23.56 -2.41 -6.18
CA HIS B 68 23.62 -2.49 -4.74
C HIS B 68 22.66 -3.57 -4.26
N ILE B 69 23.17 -4.54 -3.51
CA ILE B 69 22.33 -5.58 -2.94
C ILE B 69 21.66 -5.11 -1.64
N PRO B 70 20.33 -5.08 -1.56
CA PRO B 70 19.68 -4.65 -0.30
C PRO B 70 20.01 -5.58 0.87
N GLY B 71 20.22 -4.99 2.05
CA GLY B 71 20.47 -5.79 3.24
C GLY B 71 21.89 -6.25 3.41
N LYS B 72 22.78 -5.97 2.46
CA LYS B 72 24.19 -6.27 2.58
C LYS B 72 24.97 -5.07 2.07
N ASP B 73 26.16 -4.87 2.61
CA ASP B 73 27.02 -3.82 2.08
C ASP B 73 27.85 -4.48 0.98
N LEU B 74 27.18 -4.70 -0.16
CA LEU B 74 27.75 -5.44 -1.28
C LEU B 74 27.28 -4.81 -2.58
N ILE B 75 28.23 -4.49 -3.46
CA ILE B 75 27.95 -3.90 -4.76
C ILE B 75 28.48 -4.83 -5.85
N ILE B 76 27.65 -5.10 -6.86
CA ILE B 76 28.02 -6.02 -7.93
C ILE B 76 28.31 -5.22 -9.20
N ASP B 77 29.54 -5.30 -9.68
CA ASP B 77 30.03 -4.44 -10.75
C ASP B 77 29.73 -4.97 -12.15
N GLN B 78 29.63 -6.28 -12.35
CA GLN B 78 29.33 -6.83 -13.67
C GLN B 78 27.84 -7.17 -13.79
N TYR B 79 27.20 -6.61 -14.82
CA TYR B 79 25.76 -6.76 -14.96
C TYR B 79 25.37 -8.20 -15.34
N PRO B 80 24.45 -8.83 -14.61
CA PRO B 80 24.14 -10.24 -14.85
C PRO B 80 23.33 -10.46 -16.12
N ASN B 81 23.42 -11.68 -16.64
CA ASN B 81 22.53 -12.13 -17.69
C ASN B 81 21.07 -12.10 -17.21
N ASP B 82 20.82 -12.50 -15.95
CA ASP B 82 19.48 -12.52 -15.37
C ASP B 82 19.43 -11.75 -14.05
N LEU B 83 18.85 -10.54 -14.09
CA LEU B 83 18.86 -9.70 -12.90
C LEU B 83 18.00 -10.29 -11.77
N LEU B 84 16.82 -10.81 -12.11
CA LEU B 84 15.96 -11.45 -11.09
C LEU B 84 16.71 -12.55 -10.36
N SER B 85 17.40 -13.43 -11.11
CA SER B 85 18.13 -14.53 -10.49
C SER B 85 19.28 -14.04 -9.60
N LEU B 86 20.00 -13.02 -10.07
CA LEU B 86 21.09 -12.46 -9.26
C LEU B 86 20.57 -11.99 -7.90
N LEU B 87 19.46 -11.22 -7.91
CA LEU B 87 18.93 -10.67 -6.67
C LEU B 87 18.41 -11.77 -5.76
N GLN B 88 17.77 -12.78 -6.34
CA GLN B 88 17.23 -13.83 -5.51
C GLN B 88 18.36 -14.68 -4.94
N LYS B 89 19.42 -14.88 -5.71
CA LYS B 89 20.60 -15.59 -5.20
C LYS B 89 21.16 -14.90 -3.97
N HIS B 90 21.09 -13.57 -3.89
CA HIS B 90 21.57 -12.83 -2.73
C HIS B 90 20.54 -12.65 -1.63
N GLY B 91 19.43 -13.39 -1.65
CA GLY B 91 18.45 -13.29 -0.57
C GLY B 91 17.37 -12.26 -0.75
N VAL B 92 17.32 -11.56 -1.88
CA VAL B 92 16.25 -10.60 -2.15
C VAL B 92 15.12 -11.39 -2.81
N THR B 93 14.25 -11.98 -2.00
CA THR B 93 13.30 -12.91 -2.57
C THR B 93 12.20 -12.21 -3.35
N ASN B 94 11.83 -10.99 -2.98
CA ASN B 94 10.80 -10.25 -3.71
C ASN B 94 11.28 -8.84 -3.97
N PRO B 95 11.96 -8.61 -5.09
CA PRO B 95 12.60 -7.30 -5.28
C PRO B 95 11.66 -6.10 -5.26
N PHE B 96 10.42 -6.23 -5.75
CA PHE B 96 9.56 -5.04 -5.78
C PHE B 96 9.28 -4.50 -4.39
N GLU B 97 9.32 -5.35 -3.35
CA GLU B 97 9.05 -4.89 -1.98
C GLU B 97 10.10 -3.86 -1.51
N THR B 98 11.29 -3.88 -2.11
CA THR B 98 12.32 -2.92 -1.74
C THR B 98 12.98 -2.32 -2.98
N THR B 99 13.25 -1.03 -2.93
CA THR B 99 13.89 -0.30 -4.03
C THR B 99 15.35 -0.69 -4.24
N ILE B 100 15.75 -0.94 -5.50
CA ILE B 100 17.09 -1.39 -5.85
C ILE B 100 17.90 -0.17 -6.28
N THR B 101 19.01 0.13 -5.60
CA THR B 101 19.82 1.27 -6.02
C THR B 101 20.77 0.82 -7.15
N LEU B 102 20.80 1.59 -8.24
CA LEU B 102 21.75 1.34 -9.33
C LEU B 102 22.66 2.56 -9.44
N SER B 103 23.97 2.34 -9.32
CA SER B 103 24.99 3.36 -9.57
C SER B 103 25.22 3.47 -11.07
N ALA B 104 24.98 4.64 -11.64
CA ALA B 104 25.14 4.81 -13.07
C ALA B 104 26.55 5.31 -13.36
N GLU B 105 27.20 4.68 -14.33
CA GLU B 105 28.57 5.00 -14.75
C GLU B 105 28.55 5.47 -16.20
N PRO B 106 28.72 6.75 -16.48
CA PRO B 106 28.73 7.19 -17.88
C PRO B 106 29.93 6.57 -18.58
N GLN B 107 29.67 5.90 -19.70
CA GLN B 107 30.73 5.18 -20.41
C GLN B 107 31.49 6.10 -21.35
N ALA B 108 30.78 6.99 -22.04
CA ALA B 108 31.42 7.94 -22.91
C ALA B 108 30.67 9.28 -22.85
MG MG C . 4.43 -3.56 0.44
S SO4 D . -3.86 -17.06 4.43
O1 SO4 D . -5.08 -16.57 3.76
O2 SO4 D . -4.22 -18.08 5.46
O3 SO4 D . -3.03 -16.05 5.02
O4 SO4 D . -3.02 -17.74 3.44
S SO4 E . 5.22 11.96 13.68
O1 SO4 E . 5.26 11.52 15.08
O2 SO4 E . 4.04 12.82 13.50
O3 SO4 E . 5.16 10.78 12.82
O4 SO4 E . 6.41 12.72 13.34
S SO4 F . -21.71 17.34 19.03
O1 SO4 F . -22.50 17.46 20.25
O2 SO4 F . -22.63 17.27 17.90
O3 SO4 F . -20.81 18.51 18.91
O4 SO4 F . -20.89 16.14 18.94
C1 GOL G . 2.84 -7.78 -5.15
O1 GOL G . 2.99 -7.10 -6.42
C2 GOL G . 4.19 -7.62 -4.34
O2 GOL G . 4.60 -8.54 -3.38
C3 GOL G . 4.80 -6.21 -4.45
O3 GOL G . 5.87 -6.13 -3.50
C1 GOL H . 2.34 -18.56 2.19
O1 GOL H . 2.77 -17.97 0.96
C2 GOL H . 0.82 -18.26 2.32
O2 GOL H . 0.58 -16.95 2.55
C3 GOL H . 0.22 -19.17 3.47
O3 GOL H . -0.99 -18.54 3.85
C1 GOL I . 7.91 8.51 16.12
O1 GOL I . 8.42 7.96 14.94
C2 GOL I . 7.71 7.35 17.14
O2 GOL I . 8.78 7.28 18.02
C3 GOL I . 6.38 7.68 17.91
O3 GOL I . 5.72 6.50 18.23
C1 GOL J . -6.31 -11.75 17.07
O1 GOL J . -5.34 -12.76 16.94
C2 GOL J . -7.70 -12.36 17.52
O2 GOL J . -8.31 -11.56 18.47
C3 GOL J . -8.61 -12.42 16.23
O3 GOL J . -9.88 -12.94 16.60
C1 GOL K . -9.09 1.16 29.10
O1 GOL K . -8.75 2.36 29.70
C2 GOL K . -9.00 0.06 30.19
O2 GOL K . -10.20 -0.10 30.89
C3 GOL K . -8.58 -1.25 29.43
O3 GOL K . -7.18 -1.27 29.38
C1 GOL L . -14.23 20.05 15.52
O1 GOL L . -15.01 18.97 15.97
C2 GOL L . -12.72 19.69 15.75
O2 GOL L . -12.58 18.39 16.28
C3 GOL L . -11.99 19.97 14.35
O3 GOL L . -10.57 19.76 14.40
C1 GOL M . 6.06 -12.03 8.81
O1 GOL M . 6.58 -11.19 9.87
C2 GOL M . 4.89 -13.01 9.32
O2 GOL M . 4.14 -12.48 10.37
C3 GOL M . 3.96 -13.36 8.07
O3 GOL M . 4.28 -14.60 7.48
#